data_2H0W
#
_entry.id   2H0W
#
_cell.length_a   181.087
_cell.length_b   40.578
_cell.length_c   71.799
_cell.angle_alpha   90.00
_cell.angle_beta   90.00
_cell.angle_gamma   90.00
#
_symmetry.space_group_name_H-M   'P 21 21 2'
#
loop_
_entity.id
_entity.type
_entity.pdbx_description
1 polymer 'glmS ribozyme product oligonucleotide'
2 polymer 'glmS ribozyme RNA'
3 non-polymer 'MAGNESIUM ION'
4 non-polymer '2-(N-MORPHOLINO)-ETHANESULFONIC ACID'
5 water water
#
loop_
_entity_poly.entity_id
_entity_poly.type
_entity_poly.pdbx_seq_one_letter_code
_entity_poly.pdbx_strand_id
1 'polyribonucleotide' GCGCCUGGACUUAAAGCCAUUGCACU A
2 'polyribonucleotide'
;CCGGCUUUAAGUUGACGAGGGCAGGGUUUAUCGAGACAUCGGCGGGUGCCCUGCGGUCUUCCUGCGACCGUUAGAGGACU
GGUAAAACCACAGGCGACUGUGGCAUAGAGCAGUCCGGGCAGGA(A23)
;
B
#
loop_
_chem_comp.id
_chem_comp.type
_chem_comp.name
_chem_comp.formula
A RNA linking ADENOSINE-5'-MONOPHOSPHATE 'C10 H14 N5 O7 P'
A23 RNA linking 'ADENOSINE-5'-PHOSPHATE-2',3'-CYCLIC PHOSPHATE' 'C10 H13 N5 O9 P2'
C RNA linking CYTIDINE-5'-MONOPHOSPHATE 'C9 H14 N3 O8 P'
G RNA linking GUANOSINE-5'-MONOPHOSPHATE 'C10 H14 N5 O8 P'
MES non-polymer '2-(N-MORPHOLINO)-ETHANESULFONIC ACID' 'C6 H13 N O4 S'
MG non-polymer 'MAGNESIUM ION' 'Mg 2'
U RNA linking URIDINE-5'-MONOPHOSPHATE 'C9 H13 N2 O9 P'
#
# COMPACT_ATOMS: atom_id res chain seq x y z
PC A23 B 125 -2.38 11.67 22.35
O1C A23 B 125 -3.26 12.63 23.02
O2C A23 B 125 -3.02 10.58 21.55
P A23 B 125 3.60 14.26 21.36
OP1 A23 B 125 2.68 15.43 21.33
OP2 A23 B 125 4.55 14.09 22.49
O5' A23 B 125 2.74 12.92 21.23
C5' A23 B 125 1.83 12.71 20.14
C4' A23 B 125 0.63 11.92 20.59
O4' A23 B 125 0.84 10.50 20.67
C3' A23 B 125 0.00 12.40 21.88
O3' A23 B 125 -1.37 12.51 21.44
C2' A23 B 125 0.01 11.20 22.83
O2' A23 B 125 -1.31 11.02 23.35
C1' A23 B 125 0.58 10.05 21.98
N9 A23 B 125 1.82 9.41 22.39
C8 A23 B 125 2.86 9.86 23.16
N7 A23 B 125 3.92 9.10 23.11
C5 A23 B 125 3.53 8.04 22.31
C6 A23 B 125 4.20 6.90 21.84
N6 A23 B 125 5.48 6.63 22.12
N1 A23 B 125 3.51 6.03 21.07
C2 A23 B 125 2.24 6.32 20.77
N3 A23 B 125 1.51 7.36 21.12
C4 A23 B 125 2.23 8.19 21.89
MG MG C . -5.95 -17.45 -31.06
MG MG D . -17.86 -29.57 -39.83
MG MG E . 5.77 2.40 12.21
MG MG F . 0.53 -26.49 -35.66
C8 MES G . 6.01 -13.81 -29.01
S MES G . 4.62 -13.36 -27.94
O1S MES G . 4.55 -12.13 -27.17
O2S MES G . 3.77 -14.46 -27.47
O3S MES G . 5.55 -13.78 -26.90
O1 MES H . -7.47 -10.94 -26.56
C2 MES H . -6.42 -11.38 -27.47
C3 MES H . -5.15 -10.55 -27.23
N4 MES H . -4.70 -10.78 -25.82
C5 MES H . -5.77 -10.35 -24.89
C6 MES H . -7.05 -11.15 -25.19
C7 MES H . -3.47 -10.03 -25.52
C8 MES H . -2.34 -10.44 -26.46
S MES H . -0.81 -9.55 -26.08
O1S MES H . -0.40 -9.84 -24.72
O2S MES H . -1.04 -8.11 -26.22
O3S MES H . 0.21 -9.98 -27.00
#